data_5GP9
#
_entry.id   5GP9
#
_cell.length_a   56.873
_cell.length_b   56.873
_cell.length_c   200.884
_cell.angle_alpha   90.000
_cell.angle_beta   90.000
_cell.angle_gamma   120.000
#
_symmetry.space_group_name_H-M   'P 32 2 1'
#
loop_
_entity.id
_entity.type
_entity.pdbx_description
1 polymer 'Transcriptional regulator (TetR/AcrR family)'
2 non-polymer 'MAGNESIUM ION'
3 non-polymer GLYCEROL
4 non-polymer 'PALMITIC ACID'
5 water water
#
_entity_poly.entity_id   1
_entity_poly.type   'polypeptide(L)'
_entity_poly.pdbx_seq_one_letter_code
;GKKKGPKYDQIIDAAVQVIAEHGYHQAQVSKIAKAAGVADGTIYLYFNNKEDVLISLFQEKMGRFVDKIRSQMNEATDVE
EKLKILVNMHFKQLAADHKLAIVTQLELRQSNTELRLKINEVLKGYLNLLDELLMEGKEKGYFFQELDTRLARQMIFGTL
DEVVTNWVMKDCKYDLTALVKPVHQLLLGGLRHR
;
_entity_poly.pdbx_strand_id   A,B
#
# COMPACT_ATOMS: atom_id res chain seq x y z
N LYS A 2 -17.50 -24.15 8.76
CA LYS A 2 -16.92 -25.53 8.98
C LYS A 2 -15.80 -25.52 9.99
N LYS A 3 -15.89 -26.37 11.01
CA LYS A 3 -14.93 -26.30 12.14
C LYS A 3 -13.51 -26.69 11.70
N LYS A 4 -12.53 -26.14 12.41
CA LYS A 4 -11.11 -26.47 12.19
C LYS A 4 -10.71 -27.67 13.02
N GLY A 5 -9.68 -28.41 12.61
CA GLY A 5 -9.13 -29.42 13.49
C GLY A 5 -8.40 -28.75 14.69
N PRO A 6 -8.16 -29.51 15.76
CA PRO A 6 -7.57 -28.89 16.96
C PRO A 6 -6.14 -28.39 16.91
N LYS A 7 -5.37 -28.71 15.84
CA LYS A 7 -3.97 -28.25 15.66
C LYS A 7 -3.90 -27.07 14.72
N TYR A 8 -5.04 -26.63 14.22
CA TYR A 8 -5.12 -25.46 13.30
C TYR A 8 -4.44 -24.25 13.88
N ASP A 9 -4.91 -23.79 15.05
CA ASP A 9 -4.33 -22.59 15.61
C ASP A 9 -2.91 -22.74 15.90
N GLN A 10 -2.44 -23.87 16.45
CA GLN A 10 -1.03 -23.90 16.74
C GLN A 10 -0.17 -23.84 15.45
N ILE A 11 -0.62 -24.43 14.34
CA ILE A 11 0.17 -24.36 13.11
C ILE A 11 0.20 -22.92 12.55
N ILE A 12 -0.97 -22.31 12.45
CA ILE A 12 -1.05 -20.94 11.89
C ILE A 12 -0.33 -19.97 12.81
N ASP A 13 -0.47 -20.12 14.14
CA ASP A 13 0.26 -19.22 15.04
C ASP A 13 1.74 -19.38 14.85
N ALA A 14 2.23 -20.63 14.68
CA ALA A 14 3.61 -20.85 14.42
C ALA A 14 4.04 -20.26 13.09
N ALA A 15 3.16 -20.39 12.10
CA ALA A 15 3.47 -19.86 10.76
C ALA A 15 3.67 -18.33 10.81
N VAL A 16 2.84 -17.64 11.60
CA VAL A 16 2.96 -16.19 11.72
C VAL A 16 4.33 -15.85 12.32
N GLN A 17 4.73 -16.62 13.35
CA GLN A 17 5.99 -16.40 14.01
C GLN A 17 7.17 -16.64 13.08
N VAL A 18 7.16 -17.74 12.36
CA VAL A 18 8.26 -18.08 11.50
C VAL A 18 8.41 -17.14 10.31
N ILE A 19 7.28 -16.80 9.73
CA ILE A 19 7.25 -15.89 8.60
C ILE A 19 7.68 -14.52 9.03
N ALA A 20 7.26 -14.07 10.19
CA ALA A 20 7.62 -12.73 10.65
C ALA A 20 9.14 -12.71 10.93
N GLU A 21 9.63 -13.77 11.55
CA GLU A 21 11.00 -13.76 12.05
C GLU A 21 12.03 -13.91 10.98
N HIS A 22 11.80 -14.83 10.05
CA HIS A 22 12.75 -15.17 9.01
C HIS A 22 12.32 -14.77 7.63
N GLY A 23 11.10 -14.28 7.48
CA GLY A 23 10.62 -13.80 6.23
C GLY A 23 10.09 -14.93 5.50
N TYR A 24 9.23 -14.63 4.53
CA TYR A 24 8.40 -15.63 3.86
C TYR A 24 9.20 -16.63 3.06
N HIS A 25 10.18 -16.10 2.33
CA HIS A 25 10.97 -16.95 1.46
C HIS A 25 11.75 -18.02 2.23
N GLN A 26 12.45 -17.62 3.27
CA GLN A 26 13.14 -18.55 4.15
C GLN A 26 12.23 -19.40 5.08
N ALA A 27 10.98 -19.02 5.28
CA ALA A 27 10.07 -19.85 6.08
C ALA A 27 9.90 -21.18 5.33
N GLN A 28 9.99 -22.30 6.03
CA GLN A 28 9.77 -23.62 5.47
C GLN A 28 8.88 -24.40 6.37
N VAL A 29 8.19 -25.36 5.81
CA VAL A 29 7.22 -26.15 6.53
C VAL A 29 7.87 -26.87 7.71
N SER A 30 9.11 -27.38 7.52
CA SER A 30 9.92 -27.93 8.62
C SER A 30 10.05 -27.04 9.83
N LYS A 31 10.37 -25.77 9.60
CA LYS A 31 10.52 -24.77 10.64
C LYS A 31 9.17 -24.45 11.34
N ILE A 32 8.11 -24.35 10.54
CA ILE A 32 6.75 -24.11 11.06
C ILE A 32 6.38 -25.29 11.97
N ALA A 33 6.68 -26.52 11.54
CA ALA A 33 6.35 -27.71 12.29
C ALA A 33 7.07 -27.70 13.64
N LYS A 34 8.36 -27.35 13.65
CA LYS A 34 9.16 -27.27 14.88
C LYS A 34 8.57 -26.24 15.84
N ALA A 35 8.22 -25.08 15.30
CA ALA A 35 7.67 -24.02 16.13
C ALA A 35 6.27 -24.38 16.68
N ALA A 36 5.54 -25.21 15.95
CA ALA A 36 4.21 -25.66 16.29
C ALA A 36 4.23 -26.91 17.22
N GLY A 37 5.40 -27.49 17.42
CA GLY A 37 5.56 -28.68 18.25
C GLY A 37 5.02 -29.96 17.63
N VAL A 38 5.15 -30.04 16.30
CA VAL A 38 4.51 -31.16 15.56
C VAL A 38 5.48 -31.73 14.57
N ALA A 39 5.21 -32.98 14.18
CA ALA A 39 5.97 -33.63 13.05
C ALA A 39 5.60 -32.93 11.73
N ASP A 40 6.53 -32.88 10.77
CA ASP A 40 6.20 -32.35 9.40
C ASP A 40 4.92 -32.87 8.78
N GLY A 41 4.68 -34.17 8.92
CA GLY A 41 3.50 -34.79 8.42
C GLY A 41 2.21 -34.29 9.01
N THR A 42 2.25 -33.82 10.25
CA THR A 42 1.06 -33.24 10.86
C THR A 42 0.69 -31.95 10.08
N ILE A 43 1.69 -31.19 9.64
CA ILE A 43 1.39 -29.96 8.82
C ILE A 43 0.61 -30.34 7.58
N TYR A 44 0.98 -31.43 6.91
CA TYR A 44 0.45 -31.71 5.60
C TYR A 44 -0.88 -32.36 5.68
N LEU A 45 -1.29 -32.78 6.86
CA LEU A 45 -2.66 -33.15 7.07
C LEU A 45 -3.59 -31.93 7.03
N TYR A 46 -3.05 -30.75 7.35
CA TYR A 46 -3.83 -29.53 7.47
C TYR A 46 -3.74 -28.62 6.25
N PHE A 47 -2.55 -28.56 5.66
CA PHE A 47 -2.13 -27.65 4.61
C PHE A 47 -1.19 -28.33 3.57
N ASN A 48 -1.34 -27.99 2.29
CA ASN A 48 -0.51 -28.59 1.21
C ASN A 48 0.95 -28.11 1.16
N ASN A 49 1.19 -26.84 1.46
CA ASN A 49 2.48 -26.26 1.34
C ASN A 49 2.41 -24.90 2.04
N LYS A 50 3.53 -24.22 2.03
CA LYS A 50 3.68 -22.93 2.70
C LYS A 50 2.62 -21.91 2.27
N GLU A 51 2.31 -21.85 0.97
CA GLU A 51 1.34 -20.88 0.45
C GLU A 51 -0.01 -21.10 0.93
N ASP A 52 -0.35 -22.36 1.04
CA ASP A 52 -1.63 -22.71 1.49
C ASP A 52 -1.80 -22.30 2.97
N VAL A 53 -0.72 -22.44 3.74
CA VAL A 53 -0.70 -22.03 5.21
C VAL A 53 -0.97 -20.52 5.31
N LEU A 54 -0.23 -19.79 4.51
CA LEU A 54 -0.36 -18.31 4.40
C LEU A 54 -1.73 -17.79 3.98
N ILE A 55 -2.31 -18.28 2.89
CA ILE A 55 -3.62 -17.83 2.56
C ILE A 55 -4.68 -18.30 3.53
N SER A 56 -4.55 -19.51 4.13
CA SER A 56 -5.56 -19.99 5.04
C SER A 56 -5.63 -19.09 6.27
N LEU A 57 -4.47 -18.76 6.75
CA LEU A 57 -4.38 -17.90 7.97
C LEU A 57 -4.90 -16.53 7.72
N PHE A 58 -4.61 -16.01 6.49
CA PHE A 58 -5.08 -14.68 6.15
C PHE A 58 -6.56 -14.65 6.08
N GLN A 59 -7.15 -15.69 5.46
CA GLN A 59 -8.57 -15.75 5.31
C GLN A 59 -9.31 -15.90 6.64
N GLU A 60 -8.73 -16.70 7.52
CA GLU A 60 -9.47 -17.05 8.74
C GLU A 60 -9.51 -15.81 9.61
N LYS A 61 -8.35 -15.23 9.77
CA LYS A 61 -8.19 -13.98 10.53
C LYS A 61 -8.93 -12.78 10.03
N MET A 62 -8.93 -12.55 8.73
CA MET A 62 -9.76 -11.49 8.16
C MET A 62 -11.23 -11.69 8.42
N GLY A 63 -11.71 -12.93 8.31
CA GLY A 63 -13.07 -13.20 8.52
C GLY A 63 -13.50 -12.83 9.90
N ARG A 64 -12.67 -13.12 10.88
CA ARG A 64 -12.98 -12.76 12.29
C ARG A 64 -12.86 -11.28 12.59
N PHE A 65 -11.84 -10.66 12.03
CA PHE A 65 -11.62 -9.19 12.10
C PHE A 65 -12.82 -8.44 11.60
N VAL A 66 -13.31 -8.79 10.39
CA VAL A 66 -14.45 -8.12 9.81
C VAL A 66 -15.71 -8.36 10.69
N ASP A 67 -15.90 -9.59 11.17
CA ASP A 67 -17.06 -9.94 12.02
C ASP A 67 -17.08 -9.16 13.31
N LYS A 68 -15.93 -9.02 13.94
CA LYS A 68 -15.79 -8.16 15.13
C LYS A 68 -16.08 -6.70 14.86
N ILE A 69 -15.66 -6.17 13.70
CA ILE A 69 -15.95 -4.79 13.40
C ILE A 69 -17.42 -4.62 13.26
N ARG A 70 -18.00 -5.50 12.45
CA ARG A 70 -19.39 -5.43 12.08
C ARG A 70 -20.31 -5.43 13.32
N SER A 71 -19.96 -6.17 14.36
CA SER A 71 -20.80 -6.25 15.56
C SER A 71 -20.53 -5.10 16.53
N GLN A 72 -19.31 -4.60 16.58
CA GLN A 72 -19.06 -3.41 17.42
C GLN A 72 -19.74 -2.21 16.86
N MET A 73 -19.75 -2.12 15.52
CA MET A 73 -20.40 -1.07 14.77
C MET A 73 -21.90 -1.15 14.96
N ASN A 74 -22.45 -2.36 14.96
CA ASN A 74 -23.92 -2.60 15.08
C ASN A 74 -24.47 -2.13 16.41
N GLU A 75 -23.62 -2.12 17.42
CA GLU A 75 -23.97 -1.55 18.70
C GLU A 75 -23.94 -0.02 18.73
N ALA A 76 -23.33 0.66 17.75
CA ALA A 76 -23.28 2.13 17.79
C ALA A 76 -24.55 2.76 17.17
N THR A 77 -24.70 4.07 17.28
CA THR A 77 -25.71 4.77 16.46
C THR A 77 -25.05 5.58 15.37
N ASP A 78 -24.22 6.52 15.79
CA ASP A 78 -23.69 7.53 14.92
C ASP A 78 -22.63 6.90 13.96
N VAL A 79 -22.65 7.27 12.69
CA VAL A 79 -21.69 6.66 11.74
C VAL A 79 -20.26 7.30 11.79
N GLU A 80 -20.18 8.48 12.44
CA GLU A 80 -18.94 9.09 12.97
C GLU A 80 -18.32 8.09 13.92
N GLU A 81 -19.16 7.58 14.81
CA GLU A 81 -18.71 6.63 15.78
C GLU A 81 -18.26 5.37 15.06
N LYS A 82 -19.02 4.93 14.08
CA LYS A 82 -18.76 3.68 13.36
C LYS A 82 -17.39 3.70 12.61
N LEU A 83 -17.10 4.84 11.97
CA LEU A 83 -15.79 5.01 11.32
C LEU A 83 -14.71 4.97 12.42
N LYS A 84 -14.96 5.57 13.60
CA LYS A 84 -13.97 5.57 14.61
C LYS A 84 -13.75 4.17 15.13
N ILE A 85 -14.82 3.36 15.25
CA ILE A 85 -14.75 1.94 15.59
C ILE A 85 -13.92 1.11 14.62
N LEU A 86 -14.08 1.44 13.36
CA LEU A 86 -13.33 0.73 12.30
C LEU A 86 -11.84 1.10 12.38
N VAL A 87 -11.50 2.38 12.48
CA VAL A 87 -10.09 2.78 12.61
C VAL A 87 -9.43 2.17 13.87
N ASN A 88 -10.15 2.29 14.96
CA ASN A 88 -9.69 1.76 16.21
C ASN A 88 -9.47 0.27 16.20
N MET A 89 -10.38 -0.52 15.64
CA MET A 89 -10.21 -1.98 15.52
C MET A 89 -9.13 -2.41 14.52
N HIS A 90 -8.96 -1.70 13.40
CA HIS A 90 -7.85 -1.98 12.53
C HIS A 90 -6.51 -1.85 13.23
N PHE A 91 -6.32 -0.73 13.94
CA PHE A 91 -5.05 -0.39 14.53
C PHE A 91 -4.88 -1.34 15.75
N LYS A 92 -5.98 -1.55 16.48
CA LYS A 92 -5.93 -2.40 17.71
C LYS A 92 -5.46 -3.81 17.41
N GLN A 93 -6.05 -4.40 16.38
CA GLN A 93 -5.72 -5.78 16.04
C GLN A 93 -4.25 -5.96 15.68
N LEU A 94 -3.65 -5.01 14.98
CA LEU A 94 -2.29 -5.15 14.64
C LEU A 94 -1.32 -4.73 15.82
N ALA A 95 -1.75 -3.71 16.56
CA ALA A 95 -0.94 -3.31 17.74
C ALA A 95 -0.91 -4.49 18.73
N ALA A 96 -1.92 -5.33 18.73
CA ALA A 96 -1.96 -6.51 19.63
C ALA A 96 -1.12 -7.69 19.16
N ASP A 97 -0.58 -7.63 17.91
CA ASP A 97 0.22 -8.71 17.38
C ASP A 97 1.23 -8.22 16.37
N HIS A 98 2.40 -7.80 16.83
CA HIS A 98 3.42 -7.23 15.92
C HIS A 98 3.91 -8.19 14.84
N LYS A 99 4.03 -9.47 15.19
CA LYS A 99 4.45 -10.46 14.26
C LYS A 99 3.39 -10.59 13.13
N LEU A 100 2.09 -10.57 13.47
CA LEU A 100 1.03 -10.59 12.41
C LEU A 100 1.10 -9.36 11.54
N ALA A 101 1.42 -8.20 12.15
CA ALA A 101 1.64 -6.99 11.39
C ALA A 101 2.79 -7.06 10.43
N ILE A 102 3.94 -7.66 10.81
CA ILE A 102 5.03 -7.89 9.87
C ILE A 102 4.58 -8.74 8.68
N VAL A 103 3.83 -9.76 8.98
CA VAL A 103 3.23 -10.60 7.92
C VAL A 103 2.31 -9.82 6.97
N THR A 104 1.34 -9.13 7.50
CA THR A 104 0.33 -8.40 6.69
C THR A 104 0.92 -7.21 5.94
N GLN A 105 1.85 -6.49 6.57
CA GLN A 105 2.42 -5.28 5.92
C GLN A 105 3.60 -5.54 5.03
N LEU A 106 4.39 -6.57 5.35
CA LEU A 106 5.63 -6.74 4.61
C LEU A 106 5.58 -8.07 3.86
N GLU A 107 5.23 -9.13 4.55
CA GLU A 107 5.46 -10.45 3.94
C GLU A 107 4.42 -10.91 2.98
N LEU A 108 3.21 -10.43 3.14
CA LEU A 108 2.10 -10.79 2.30
C LEU A 108 2.08 -9.87 1.08
N ARG A 109 3.12 -9.07 0.91
CA ARG A 109 3.23 -8.20 -0.23
C ARG A 109 4.19 -8.93 -1.22
N GLN A 110 3.65 -9.73 -2.10
CA GLN A 110 4.52 -10.53 -2.98
C GLN A 110 4.10 -10.36 -4.45
N SER A 111 5.07 -10.46 -5.34
CA SER A 111 4.83 -10.26 -6.77
C SER A 111 4.31 -11.55 -7.49
N ASN A 112 4.20 -12.65 -6.74
CA ASN A 112 3.53 -13.84 -7.22
C ASN A 112 2.11 -13.47 -7.66
N THR A 113 1.88 -13.42 -8.96
CA THR A 113 0.60 -12.93 -9.49
C THR A 113 -0.64 -13.67 -8.94
N GLU A 114 -0.52 -14.98 -8.74
CA GLU A 114 -1.68 -15.75 -8.34
C GLU A 114 -1.85 -15.78 -6.82
N LEU A 115 -0.76 -15.67 -6.07
CA LEU A 115 -0.88 -15.39 -4.63
C LEU A 115 -1.53 -14.01 -4.36
N ARG A 116 -1.09 -13.04 -5.13
CA ARG A 116 -1.59 -11.69 -5.05
C ARG A 116 -3.08 -11.65 -5.32
N LEU A 117 -3.55 -12.41 -6.29
CA LEU A 117 -4.96 -12.49 -6.56
C LEU A 117 -5.77 -13.05 -5.39
N LYS A 118 -5.27 -14.13 -4.78
CA LYS A 118 -5.92 -14.75 -3.63
C LYS A 118 -5.97 -13.78 -2.44
N ILE A 119 -4.87 -13.11 -2.21
CA ILE A 119 -4.85 -12.12 -1.09
C ILE A 119 -5.91 -11.00 -1.25
N ASN A 120 -6.02 -10.45 -2.47
CA ASN A 120 -7.03 -9.49 -2.76
C ASN A 120 -8.45 -9.99 -2.63
N GLU A 121 -8.69 -11.26 -2.98
CA GLU A 121 -9.99 -11.78 -2.78
C GLU A 121 -10.35 -11.84 -1.30
N VAL A 122 -9.37 -12.11 -0.44
CA VAL A 122 -9.66 -12.15 1.01
C VAL A 122 -9.96 -10.70 1.53
N LEU A 123 -9.17 -9.77 1.08
CA LEU A 123 -9.32 -8.38 1.43
C LEU A 123 -10.66 -7.80 1.08
N LYS A 124 -11.30 -8.31 0.00
CA LYS A 124 -12.58 -7.78 -0.43
C LYS A 124 -13.63 -7.80 0.65
N GLY A 125 -13.62 -8.77 1.54
CA GLY A 125 -14.56 -8.79 2.64
C GLY A 125 -14.51 -7.54 3.56
N TYR A 126 -13.30 -7.06 3.80
CA TYR A 126 -13.12 -5.87 4.65
C TYR A 126 -13.54 -4.63 3.83
N LEU A 127 -13.10 -4.58 2.57
CA LEU A 127 -13.53 -3.51 1.62
C LEU A 127 -15.03 -3.41 1.47
N ASN A 128 -15.77 -4.53 1.42
CA ASN A 128 -17.26 -4.49 1.42
C ASN A 128 -17.88 -3.91 2.68
N LEU A 129 -17.28 -4.18 3.83
CA LEU A 129 -17.67 -3.55 5.06
C LEU A 129 -17.46 -2.05 5.02
N LEU A 130 -16.30 -1.61 4.57
CA LEU A 130 -16.05 -0.20 4.33
C LEU A 130 -17.17 0.43 3.44
N ASP A 131 -17.49 -0.24 2.35
CA ASP A 131 -18.54 0.25 1.42
C ASP A 131 -19.93 0.39 2.09
N GLU A 132 -20.27 -0.60 2.92
CA GLU A 132 -21.50 -0.50 3.69
C GLU A 132 -21.54 0.71 4.59
N LEU A 133 -20.45 0.97 5.31
CA LEU A 133 -20.34 2.14 6.14
C LEU A 133 -20.51 3.47 5.41
N LEU A 134 -19.87 3.55 4.27
CA LEU A 134 -19.93 4.71 3.47
C LEU A 134 -21.36 4.96 2.91
N MET A 135 -21.97 3.89 2.44
CA MET A 135 -23.37 3.91 1.95
C MET A 135 -24.33 4.41 3.02
N GLU A 136 -24.19 3.85 4.24
CA GLU A 136 -24.93 4.29 5.45
C GLU A 136 -24.76 5.74 5.74
N GLY A 137 -23.49 6.15 5.82
CA GLY A 137 -23.21 7.51 6.12
C GLY A 137 -23.75 8.49 5.12
N LYS A 138 -23.72 8.11 3.86
CA LYS A 138 -24.29 8.98 2.83
C LYS A 138 -25.81 9.09 3.05
N GLU A 139 -26.46 7.94 3.15
CA GLU A 139 -27.93 7.86 3.30
C GLU A 139 -28.44 8.74 4.49
N LYS A 140 -27.70 8.81 5.60
CA LYS A 140 -28.08 9.60 6.79
C LYS A 140 -27.46 10.96 6.84
N GLY A 141 -26.82 11.41 5.77
CA GLY A 141 -26.41 12.79 5.66
C GLY A 141 -25.11 13.14 6.35
N TYR A 142 -24.39 12.15 6.90
CA TYR A 142 -23.13 12.40 7.56
C TYR A 142 -21.95 12.56 6.56
N PHE A 143 -21.90 11.71 5.56
CA PHE A 143 -20.95 11.90 4.46
C PHE A 143 -21.56 12.60 3.26
N PHE A 144 -20.70 13.39 2.61
CA PHE A 144 -20.96 14.13 1.39
C PHE A 144 -21.77 13.27 0.45
N GLN A 145 -22.97 13.73 0.03
CA GLN A 145 -23.82 12.94 -0.87
C GLN A 145 -23.24 12.56 -2.24
N GLU A 146 -22.38 13.38 -2.83
CA GLU A 146 -21.87 13.10 -4.17
C GLU A 146 -20.56 12.28 -4.11
N LEU A 147 -20.17 11.88 -2.90
CA LEU A 147 -18.97 11.06 -2.71
C LEU A 147 -19.05 9.75 -3.50
N ASP A 148 -17.97 9.38 -4.15
CA ASP A 148 -17.88 8.06 -4.75
C ASP A 148 -17.46 7.04 -3.70
N THR A 149 -18.30 6.06 -3.46
CA THR A 149 -18.04 5.03 -2.50
C THR A 149 -16.71 4.35 -2.78
N ARG A 150 -16.47 4.07 -4.02
CA ARG A 150 -15.27 3.31 -4.42
C ARG A 150 -13.97 4.11 -4.06
N LEU A 151 -13.90 5.37 -4.46
CA LEU A 151 -12.79 6.19 -4.18
C LEU A 151 -12.62 6.45 -2.68
N ALA A 152 -13.75 6.68 -2.01
CA ALA A 152 -13.70 6.88 -0.54
C ALA A 152 -13.11 5.63 0.17
N ARG A 153 -13.56 4.44 -0.21
CA ARG A 153 -13.01 3.20 0.28
C ARG A 153 -11.51 3.06 0.06
N GLN A 154 -11.07 3.45 -1.12
CA GLN A 154 -9.66 3.43 -1.44
C GLN A 154 -8.87 4.38 -0.63
N MET A 155 -9.41 5.55 -0.38
CA MET A 155 -8.75 6.54 0.51
C MET A 155 -8.70 6.01 1.96
N ILE A 156 -9.78 5.46 2.50
CA ILE A 156 -9.74 4.99 3.86
C ILE A 156 -8.72 3.83 4.02
N PHE A 157 -8.87 2.80 3.18
CA PHE A 157 -8.03 1.67 3.26
C PHE A 157 -6.64 2.05 2.98
N GLY A 158 -6.42 2.85 1.89
CA GLY A 158 -5.06 3.13 1.54
C GLY A 158 -4.35 3.92 2.64
N THR A 159 -5.11 4.79 3.25
CA THR A 159 -4.58 5.58 4.38
C THR A 159 -4.24 4.73 5.58
N LEU A 160 -5.19 3.96 6.05
CA LEU A 160 -4.94 3.09 7.25
C LEU A 160 -3.79 2.13 7.03
N ASP A 161 -3.71 1.58 5.83
CA ASP A 161 -2.66 0.65 5.50
C ASP A 161 -1.32 1.28 5.48
N GLU A 162 -1.21 2.48 4.94
CA GLU A 162 0.00 3.22 4.88
C GLU A 162 0.49 3.63 6.27
N VAL A 163 -0.43 4.07 7.12
CA VAL A 163 -0.07 4.42 8.52
C VAL A 163 0.51 3.16 9.21
N VAL A 164 -0.16 2.01 9.10
CA VAL A 164 0.29 0.75 9.76
C VAL A 164 1.67 0.34 9.19
N THR A 165 1.85 0.42 7.86
CA THR A 165 3.13 0.07 7.28
C THR A 165 4.26 0.90 7.80
N ASN A 166 4.02 2.19 7.96
CA ASN A 166 5.05 3.02 8.46
C ASN A 166 5.47 2.68 9.92
N TRP A 167 4.51 2.24 10.71
CA TRP A 167 4.72 1.85 12.11
C TRP A 167 5.54 0.56 12.13
N VAL A 168 5.16 -0.40 11.27
CA VAL A 168 5.98 -1.63 11.08
C VAL A 168 7.40 -1.37 10.60
N MET A 169 7.63 -0.42 9.70
CA MET A 169 8.95 -0.08 9.23
C MET A 169 9.74 0.61 10.30
N LYS A 170 9.08 1.11 11.32
CA LYS A 170 9.74 1.69 12.53
C LYS A 170 9.72 0.72 13.73
N ASP A 171 9.74 -0.58 13.42
CA ASP A 171 9.83 -1.62 14.43
C ASP A 171 8.77 -1.63 15.44
N CYS A 172 7.60 -1.12 15.06
CA CYS A 172 6.42 -1.04 15.92
C CYS A 172 6.69 -0.37 17.26
N LYS A 173 7.60 0.61 17.30
CA LYS A 173 8.14 1.10 18.61
C LYS A 173 7.26 2.12 19.34
N TYR A 174 6.33 2.74 18.61
CA TYR A 174 5.36 3.63 19.20
C TYR A 174 3.98 3.03 19.19
N ASP A 175 3.06 3.65 19.93
CA ASP A 175 1.76 3.04 20.13
C ASP A 175 0.92 3.43 18.90
N LEU A 176 0.72 2.47 18.02
CA LEU A 176 -0.10 2.74 16.85
C LEU A 176 -1.49 3.24 17.21
N THR A 177 -2.06 2.79 18.34
CA THR A 177 -3.40 3.22 18.70
C THR A 177 -3.47 4.69 19.20
N ALA A 178 -2.37 5.36 19.43
CA ALA A 178 -2.37 6.83 19.62
C ALA A 178 -2.73 7.66 18.36
N LEU A 179 -2.74 7.01 17.20
CA LEU A 179 -3.08 7.69 15.92
C LEU A 179 -4.56 7.53 15.50
N VAL A 180 -5.31 6.76 16.26
CA VAL A 180 -6.71 6.51 15.97
C VAL A 180 -7.47 7.79 15.81
N LYS A 181 -7.43 8.68 16.82
CA LYS A 181 -8.22 9.89 16.71
C LYS A 181 -7.76 10.77 15.58
N PRO A 182 -6.45 11.07 15.48
CA PRO A 182 -6.05 11.94 14.37
C PRO A 182 -6.31 11.38 12.96
N VAL A 183 -6.22 10.07 12.80
CA VAL A 183 -6.49 9.48 11.43
C VAL A 183 -7.95 9.61 11.10
N HIS A 184 -8.79 9.26 12.07
CA HIS A 184 -10.20 9.42 11.99
C HIS A 184 -10.62 10.83 11.57
N GLN A 185 -10.06 11.86 12.28
CA GLN A 185 -10.43 13.18 12.02
C GLN A 185 -10.00 13.63 10.63
N LEU A 186 -8.81 13.20 10.25
CA LEU A 186 -8.21 13.57 9.00
C LEU A 186 -9.00 13.00 7.82
N LEU A 187 -9.46 11.76 7.91
CA LEU A 187 -10.32 11.21 6.95
C LEU A 187 -11.66 11.94 6.81
N LEU A 188 -12.18 12.43 7.91
CA LEU A 188 -13.40 13.26 7.82
C LEU A 188 -13.21 14.65 7.28
N GLY A 189 -12.13 15.32 7.65
CA GLY A 189 -11.98 16.70 7.21
C GLY A 189 -11.00 17.06 6.14
N GLY A 190 -10.24 16.07 5.66
CA GLY A 190 -9.24 16.32 4.70
C GLY A 190 -8.17 17.28 5.10
N LEU A 191 -7.54 17.86 4.12
CA LEU A 191 -6.50 18.80 4.36
C LEU A 191 -7.07 20.15 4.91
N ARG A 192 -8.29 20.49 4.47
CA ARG A 192 -8.84 21.85 4.71
C ARG A 192 -9.37 22.13 6.10
N HIS A 193 -9.94 21.11 6.75
CA HIS A 193 -10.82 21.26 7.92
C HIS A 193 -10.47 20.43 9.12
N ARG A 194 -10.17 21.13 10.20
CA ARG A 194 -10.26 20.66 11.59
C ARG A 194 -9.31 21.39 12.48
N LYS B 7 22.18 5.24 -24.76
CA LYS B 7 22.70 3.88 -24.39
C LYS B 7 22.28 3.54 -22.94
N TYR B 8 22.51 4.49 -22.02
CA TYR B 8 22.00 4.39 -20.63
C TYR B 8 20.45 4.40 -20.66
N ASP B 9 19.90 5.30 -21.47
CA ASP B 9 18.45 5.46 -21.61
C ASP B 9 17.75 4.27 -22.21
N GLN B 10 18.39 3.61 -23.16
CA GLN B 10 17.78 2.40 -23.70
C GLN B 10 17.83 1.22 -22.73
N ILE B 11 18.87 1.19 -21.88
CA ILE B 11 18.94 0.15 -20.84
C ILE B 11 17.77 0.33 -19.79
N ILE B 12 17.60 1.60 -19.36
CA ILE B 12 16.49 2.01 -18.42
C ILE B 12 15.16 1.54 -19.03
N ASP B 13 14.90 1.88 -20.31
CA ASP B 13 13.65 1.51 -20.99
C ASP B 13 13.47 0.05 -21.04
N ALA B 14 14.53 -0.67 -21.36
CA ALA B 14 14.47 -2.11 -21.49
C ALA B 14 14.21 -2.78 -20.14
N ALA B 15 14.85 -2.22 -19.12
CA ALA B 15 14.67 -2.76 -17.78
C ALA B 15 13.19 -2.71 -17.36
N VAL B 16 12.55 -1.60 -17.63
CA VAL B 16 11.09 -1.48 -17.41
C VAL B 16 10.34 -2.56 -18.13
N GLN B 17 10.61 -2.65 -19.42
CA GLN B 17 9.94 -3.66 -20.18
C GLN B 17 10.11 -5.05 -19.62
N VAL B 18 11.34 -5.47 -19.35
CA VAL B 18 11.65 -6.84 -18.93
C VAL B 18 11.10 -7.12 -17.52
N ILE B 19 11.20 -6.13 -16.66
CA ILE B 19 10.72 -6.34 -15.28
C ILE B 19 9.21 -6.43 -15.23
N ALA B 20 8.56 -5.59 -16.02
CA ALA B 20 7.10 -5.70 -16.14
C ALA B 20 6.63 -6.98 -16.74
N GLU B 21 7.32 -7.46 -17.79
CA GLU B 21 6.89 -8.70 -18.47
C GLU B 21 7.14 -9.96 -17.63
N HIS B 22 8.34 -10.11 -17.12
CA HIS B 22 8.76 -11.34 -16.43
C HIS B 22 8.72 -11.24 -14.91
N GLY B 23 8.66 -10.03 -14.39
CA GLY B 23 8.80 -9.84 -12.94
C GLY B 23 10.22 -9.70 -12.53
N TYR B 24 10.46 -9.04 -11.40
CA TYR B 24 11.80 -8.65 -11.01
C TYR B 24 12.67 -9.88 -10.73
N HIS B 25 12.12 -10.87 -10.06
CA HIS B 25 12.92 -12.03 -9.67
C HIS B 25 13.26 -12.89 -10.85
N GLN B 26 12.33 -13.07 -11.78
CA GLN B 26 12.64 -13.82 -12.99
C GLN B 26 13.37 -13.01 -14.06
N ALA B 27 13.61 -11.70 -13.87
CA ALA B 27 14.26 -10.86 -14.90
C ALA B 27 15.73 -11.09 -14.81
N GLN B 28 16.38 -11.35 -15.94
CA GLN B 28 17.84 -11.43 -15.87
C GLN B 28 18.37 -10.27 -16.62
N VAL B 29 19.49 -9.75 -16.13
CA VAL B 29 20.19 -8.63 -16.69
C VAL B 29 20.57 -8.92 -18.18
N SER B 30 20.87 -10.18 -18.52
CA SER B 30 21.09 -10.60 -19.93
C SER B 30 19.87 -10.40 -20.79
N LYS B 31 18.69 -10.74 -20.28
CA LYS B 31 17.45 -10.34 -20.96
C LYS B 31 17.33 -8.82 -21.12
N ILE B 32 17.73 -8.05 -20.11
CA ILE B 32 17.70 -6.61 -20.22
C ILE B 32 18.64 -6.12 -21.32
N ALA B 33 19.83 -6.70 -21.36
CA ALA B 33 20.82 -6.30 -22.37
C ALA B 33 20.26 -6.61 -23.77
N LYS B 34 19.67 -7.78 -23.94
CA LYS B 34 19.10 -8.15 -25.27
C LYS B 34 18.01 -7.18 -25.66
N ALA B 35 17.15 -6.80 -24.69
CA ALA B 35 16.05 -5.88 -25.00
C ALA B 35 16.51 -4.51 -25.25
N ALA B 36 17.69 -4.14 -24.71
CA ALA B 36 18.25 -2.82 -24.96
C ALA B 36 19.14 -2.75 -26.26
N GLY B 37 19.42 -3.88 -26.88
CA GLY B 37 20.35 -3.90 -28.04
C GLY B 37 21.77 -3.71 -27.60
N VAL B 38 22.14 -4.23 -26.42
CA VAL B 38 23.53 -4.08 -25.95
C VAL B 38 24.13 -5.37 -25.50
N ALA B 39 25.46 -5.42 -25.50
CA ALA B 39 26.22 -6.56 -25.02
C ALA B 39 26.08 -6.67 -23.50
N ASP B 40 25.98 -7.88 -22.96
CA ASP B 40 25.98 -8.14 -21.48
C ASP B 40 26.92 -7.17 -20.73
N GLY B 41 28.15 -7.06 -21.21
CA GLY B 41 29.13 -6.10 -20.70
C GLY B 41 28.80 -4.61 -20.66
N THR B 42 27.93 -4.11 -21.54
CA THR B 42 27.61 -2.68 -21.57
C THR B 42 26.77 -2.27 -20.34
N ILE B 43 25.92 -3.18 -19.90
CA ILE B 43 25.11 -3.03 -18.67
C ILE B 43 25.99 -2.75 -17.43
N TYR B 44 27.08 -3.49 -17.30
CA TYR B 44 27.95 -3.37 -16.09
C TYR B 44 28.86 -2.19 -16.07
N LEU B 45 28.97 -1.45 -17.19
CA LEU B 45 29.60 -0.14 -17.15
C LEU B 45 28.77 0.86 -16.32
N TYR B 46 27.45 0.72 -16.32
CA TYR B 46 26.56 1.61 -15.55
C TYR B 46 26.10 1.04 -14.22
N PHE B 47 25.96 -0.28 -14.12
CA PHE B 47 25.32 -0.95 -12.98
C PHE B 47 26.10 -2.11 -12.43
N ASN B 48 26.43 -2.00 -11.15
CA ASN B 48 27.06 -3.09 -10.42
C ASN B 48 26.32 -4.41 -10.60
N ASN B 49 24.99 -4.41 -10.68
CA ASN B 49 24.20 -5.65 -10.78
C ASN B 49 22.71 -5.41 -10.88
N LYS B 50 21.95 -6.49 -10.85
CA LYS B 50 20.55 -6.46 -11.04
C LYS B 50 19.81 -5.56 -10.02
N GLU B 51 20.17 -5.62 -8.74
CA GLU B 51 19.55 -4.72 -7.74
C GLU B 51 19.77 -3.29 -8.09
N ASP B 52 21.02 -2.92 -8.51
CA ASP B 52 21.43 -1.58 -8.88
C ASP B 52 20.61 -1.22 -10.12
N VAL B 53 20.27 -2.19 -10.98
CA VAL B 53 19.36 -1.84 -12.10
C VAL B 53 17.97 -1.38 -11.62
N LEU B 54 17.34 -2.16 -10.76
CA LEU B 54 15.97 -1.79 -10.27
C LEU B 54 15.97 -0.50 -9.51
N ILE B 55 16.95 -0.34 -8.63
CA ILE B 55 17.08 0.89 -7.88
C ILE B 55 17.37 2.08 -8.78
N SER B 56 18.32 1.93 -9.73
CA SER B 56 18.63 3.04 -10.62
C SER B 56 17.50 3.51 -11.52
N LEU B 57 16.76 2.56 -12.05
CA LEU B 57 15.56 2.78 -12.87
C LEU B 57 14.56 3.63 -12.02
N PHE B 58 14.42 3.24 -10.78
CA PHE B 58 13.48 4.02 -9.89
C PHE B 58 14.00 5.40 -9.60
N GLN B 59 15.26 5.53 -9.29
CA GLN B 59 15.87 6.85 -9.06
C GLN B 59 15.77 7.75 -10.25
N GLU B 60 16.07 7.21 -11.44
CA GLU B 60 15.96 7.96 -12.70
C GLU B 60 14.51 8.44 -12.96
N LYS B 61 13.54 7.53 -12.90
CA LYS B 61 12.19 7.88 -13.18
C LYS B 61 11.73 8.90 -12.09
N MET B 62 11.97 8.58 -10.79
CA MET B 62 11.54 9.53 -9.69
C MET B 62 12.18 10.88 -9.77
N GLY B 63 13.48 10.93 -10.06
CA GLY B 63 14.17 12.20 -10.14
C GLY B 63 13.57 13.13 -11.18
N ARG B 64 13.23 12.56 -12.32
CA ARG B 64 12.70 13.32 -13.39
C ARG B 64 11.26 13.75 -13.09
N PHE B 65 10.52 12.91 -12.40
CA PHE B 65 9.14 13.17 -12.06
C PHE B 65 9.06 14.34 -11.08
N VAL B 66 9.80 14.21 -10.00
CA VAL B 66 9.87 15.21 -8.95
C VAL B 66 10.33 16.55 -9.57
N ASP B 67 11.34 16.53 -10.42
CA ASP B 67 11.80 17.80 -11.03
C ASP B 67 10.69 18.48 -11.87
N LYS B 68 9.98 17.68 -12.67
CA LYS B 68 8.83 18.19 -13.46
C LYS B 68 7.73 18.77 -12.60
N ILE B 69 7.27 18.01 -11.60
CA ILE B 69 6.30 18.53 -10.64
C ILE B 69 6.78 19.79 -9.96
N ARG B 70 8.03 19.81 -9.54
CA ARG B 70 8.53 21.03 -8.83
C ARG B 70 8.49 22.24 -9.73
N SER B 71 8.90 22.07 -10.97
CA SER B 71 8.81 23.12 -12.02
C SER B 71 7.41 23.62 -12.23
N GLN B 72 6.48 22.70 -12.41
CA GLN B 72 5.08 23.05 -12.63
C GLN B 72 4.45 23.71 -11.40
N MET B 73 4.78 23.23 -10.20
CA MET B 73 4.34 23.87 -8.97
C MET B 73 4.93 25.25 -8.77
N ASN B 74 6.22 25.40 -9.04
CA ASN B 74 6.92 26.66 -8.77
C ASN B 74 6.24 27.74 -9.59
N GLU B 75 5.60 27.34 -10.70
CA GLU B 75 4.87 28.25 -11.57
C GLU B 75 3.40 28.48 -11.20
N ALA B 76 2.80 27.59 -10.40
CA ALA B 76 1.42 27.75 -9.96
C ALA B 76 1.26 28.87 -8.90
N THR B 77 0.02 29.32 -8.83
CA THR B 77 -0.30 30.52 -8.10
C THR B 77 -1.03 30.25 -6.78
N ASP B 78 -1.52 29.04 -6.65
CA ASP B 78 -2.40 28.66 -5.58
C ASP B 78 -1.97 27.22 -5.09
N VAL B 79 -1.86 27.05 -3.77
CA VAL B 79 -1.42 25.78 -3.16
C VAL B 79 -2.35 24.61 -3.49
N GLU B 80 -3.67 24.85 -3.56
CA GLU B 80 -4.58 23.79 -4.02
C GLU B 80 -4.28 23.37 -5.47
N GLU B 81 -3.87 24.31 -6.30
CA GLU B 81 -3.52 24.00 -7.71
C GLU B 81 -2.21 23.20 -7.70
N LYS B 82 -1.28 23.53 -6.80
CA LYS B 82 -0.03 22.76 -6.67
C LYS B 82 -0.32 21.29 -6.34
N LEU B 83 -1.29 21.02 -5.47
CA LEU B 83 -1.72 19.63 -5.15
C LEU B 83 -2.29 18.99 -6.37
N LYS B 84 -3.08 19.76 -7.14
CA LYS B 84 -3.71 19.20 -8.33
C LYS B 84 -2.61 18.75 -9.30
N ILE B 85 -1.58 19.57 -9.42
CA ILE B 85 -0.46 19.32 -10.36
C ILE B 85 0.19 17.99 -10.01
N LEU B 86 0.44 17.83 -8.72
CA LEU B 86 1.05 16.60 -8.19
C LEU B 86 0.21 15.39 -8.48
N VAL B 87 -1.11 15.47 -8.23
CA VAL B 87 -1.99 14.37 -8.48
C VAL B 87 -2.06 14.06 -9.96
N ASN B 88 -2.24 15.13 -10.73
CA ASN B 88 -2.33 14.96 -12.20
C ASN B 88 -1.06 14.33 -12.79
N MET B 89 0.08 14.77 -12.33
CA MET B 89 1.36 14.24 -12.89
C MET B 89 1.56 12.76 -12.48
N HIS B 90 1.28 12.45 -11.21
CA HIS B 90 1.33 11.07 -10.75
C HIS B 90 0.48 10.19 -11.65
N PHE B 91 -0.79 10.55 -11.87
CA PHE B 91 -1.69 9.69 -12.68
C PHE B 91 -1.32 9.70 -14.17
N LYS B 92 -1.00 10.89 -14.69
CA LYS B 92 -0.69 11.02 -16.13
C LYS B 92 0.51 10.17 -16.54
N GLN B 93 1.57 10.24 -15.77
CA GLN B 93 2.82 9.56 -16.11
C GLN B 93 2.66 8.05 -16.12
N LEU B 94 1.84 7.54 -15.23
CA LEU B 94 1.59 6.11 -15.18
C LEU B 94 0.54 5.71 -16.21
N ALA B 95 -0.45 6.57 -16.51
CA ALA B 95 -1.48 6.22 -17.48
C ALA B 95 -0.76 6.15 -18.87
N ALA B 96 0.34 6.87 -19.00
CA ALA B 96 1.17 6.98 -20.25
C ALA B 96 2.08 5.80 -20.43
N ASP B 97 2.25 4.98 -19.40
CA ASP B 97 3.19 3.87 -19.43
C ASP B 97 2.78 2.79 -18.53
N HIS B 98 1.92 1.89 -19.03
CA HIS B 98 1.39 0.76 -18.28
C HIS B 98 2.44 -0.17 -17.74
N LYS B 99 3.54 -0.31 -18.46
CA LYS B 99 4.59 -1.17 -18.01
C LYS B 99 5.35 -0.57 -16.82
N LEU B 100 5.54 0.72 -16.84
CA LEU B 100 6.19 1.35 -15.71
C LEU B 100 5.20 1.24 -14.53
N ALA B 101 3.90 1.34 -14.76
CA ALA B 101 2.93 1.13 -13.64
C ALA B 101 2.96 -0.24 -13.04
N ILE B 102 3.12 -1.27 -13.86
CA ILE B 102 3.37 -2.60 -13.34
C ILE B 102 4.61 -2.68 -12.48
N VAL B 103 5.70 -2.04 -12.90
CA VAL B 103 6.92 -1.90 -12.10
C VAL B 103 6.69 -1.19 -10.75
N THR B 104 6.12 0.00 -10.81
CA THR B 104 5.91 0.78 -9.59
C THR B 104 4.92 0.13 -8.63
N GLN B 105 3.87 -0.46 -9.15
CA GLN B 105 2.78 -0.89 -8.27
C GLN B 105 3.00 -2.28 -7.81
N LEU B 106 3.72 -3.07 -8.62
CA LEU B 106 3.83 -4.49 -8.37
C LEU B 106 5.27 -4.93 -8.12
N GLU B 107 6.19 -4.58 -8.97
CA GLU B 107 7.53 -5.10 -8.81
C GLU B 107 8.47 -4.40 -7.87
N LEU B 108 8.25 -3.14 -7.58
CA LEU B 108 9.05 -2.44 -6.56
C LEU B 108 8.57 -2.70 -5.10
N ARG B 109 7.62 -3.58 -4.93
CA ARG B 109 7.09 -3.97 -3.66
C ARG B 109 7.83 -5.24 -3.28
N GLN B 110 8.90 -5.04 -2.51
CA GLN B 110 9.78 -6.15 -2.12
C GLN B 110 9.66 -6.45 -0.63
N SER B 111 9.70 -7.73 -0.26
CA SER B 111 9.92 -8.15 1.14
C SER B 111 11.40 -8.16 1.66
N ASN B 112 12.42 -8.30 0.77
CA ASN B 112 13.85 -8.21 1.14
C ASN B 112 14.12 -6.90 1.85
N THR B 113 14.59 -7.00 3.10
CA THR B 113 14.73 -5.81 3.95
C THR B 113 15.70 -4.80 3.35
N GLU B 114 16.91 -5.19 2.96
CA GLU B 114 17.87 -4.24 2.35
C GLU B 114 17.39 -3.63 1.02
N LEU B 115 16.74 -4.42 0.20
CA LEU B 115 16.22 -3.89 -1.05
C LEU B 115 15.07 -2.88 -0.76
N ARG B 116 14.23 -3.23 0.20
CA ARG B 116 13.05 -2.43 0.51
C ARG B 116 13.51 -1.10 0.99
N LEU B 117 14.56 -1.08 1.82
CA LEU B 117 15.07 0.17 2.37
C LEU B 117 15.66 1.06 1.32
N LYS B 118 16.36 0.48 0.32
CA LYS B 118 16.85 1.30 -0.75
C LYS B 118 15.73 1.91 -1.64
N ILE B 119 14.65 1.15 -1.82
CA ILE B 119 13.52 1.69 -2.65
C ILE B 119 12.89 2.84 -1.91
N ASN B 120 12.69 2.66 -0.62
CA ASN B 120 12.12 3.71 0.19
C ASN B 120 12.91 4.97 0.28
N GLU B 121 14.24 4.86 0.29
CA GLU B 121 15.11 6.02 0.20
C GLU B 121 14.85 6.81 -1.07
N VAL B 122 14.62 6.14 -2.21
CA VAL B 122 14.35 6.88 -3.45
C VAL B 122 12.96 7.63 -3.37
N LEU B 123 12.01 6.99 -2.74
CA LEU B 123 10.66 7.49 -2.53
C LEU B 123 10.59 8.72 -1.66
N LYS B 124 11.59 8.90 -0.80
CA LYS B 124 11.65 10.08 0.05
C LYS B 124 11.71 11.34 -0.72
N GLY B 125 12.25 11.31 -1.94
CA GLY B 125 12.22 12.50 -2.81
C GLY B 125 10.77 13.02 -3.02
N TYR B 126 9.88 12.11 -3.37
CA TYR B 126 8.47 12.43 -3.58
C TYR B 126 7.82 12.83 -2.24
N LEU B 127 8.09 12.03 -1.23
CA LEU B 127 7.51 12.27 0.13
C LEU B 127 7.90 13.60 0.68
N ASN B 128 9.16 14.01 0.47
CA ASN B 128 9.64 15.30 0.91
C ASN B 128 9.02 16.46 0.17
N LEU B 129 8.79 16.27 -1.11
CA LEU B 129 8.01 17.27 -1.88
C LEU B 129 6.60 17.37 -1.31
N LEU B 130 5.91 16.24 -0.99
CA LEU B 130 4.63 16.37 -0.24
C LEU B 130 4.76 17.15 1.06
N ASP B 131 5.82 16.89 1.82
CA ASP B 131 6.00 17.58 3.10
C ASP B 131 6.10 19.06 2.87
N GLU B 132 6.82 19.46 1.83
CA GLU B 132 7.05 20.89 1.56
C GLU B 132 5.71 21.57 1.24
N LEU B 133 4.93 20.87 0.43
CA LEU B 133 3.61 21.39 -0.02
C LEU B 133 2.66 21.55 1.18
N LEU B 134 2.67 20.56 2.10
CA LEU B 134 1.85 20.57 3.28
C LEU B 134 2.25 21.70 4.21
N MET B 135 3.56 21.86 4.40
CA MET B 135 4.04 23.00 5.24
C MET B 135 3.69 24.34 4.66
N GLU B 136 3.91 24.52 3.36
CA GLU B 136 3.50 25.72 2.60
C GLU B 136 2.02 25.95 2.79
N GLY B 137 1.20 24.92 2.68
CA GLY B 137 -0.26 25.13 2.75
C GLY B 137 -0.68 25.53 4.16
N LYS B 138 0.03 25.04 5.15
CA LYS B 138 -0.27 25.42 6.57
C LYS B 138 0.18 26.86 6.84
N GLU B 139 1.37 27.21 6.34
CA GLU B 139 1.97 28.60 6.55
C GLU B 139 1.07 29.64 5.88
N LYS B 140 0.61 29.33 4.65
CA LYS B 140 -0.20 30.24 3.80
C LYS B 140 -1.71 30.27 4.15
N GLY B 141 -2.14 29.41 5.05
CA GLY B 141 -3.49 29.31 5.53
C GLY B 141 -4.50 28.49 4.73
N TYR B 142 -4.04 27.70 3.78
CA TYR B 142 -4.98 26.86 2.96
C TYR B 142 -5.42 25.65 3.78
N PHE B 143 -4.49 25.16 4.60
CA PHE B 143 -4.69 23.99 5.42
C PHE B 143 -4.62 24.35 6.89
N PHE B 144 -5.39 23.66 7.70
CA PHE B 144 -5.47 24.02 9.10
C PHE B 144 -4.19 23.85 9.90
N GLN B 145 -3.98 24.80 10.80
CA GLN B 145 -2.74 24.97 11.52
C GLN B 145 -2.26 23.76 12.25
N GLU B 146 -3.18 22.95 12.74
CA GLU B 146 -2.82 21.82 13.53
C GLU B 146 -2.62 20.55 12.72
N LEU B 147 -2.73 20.64 11.40
CA LEU B 147 -2.58 19.48 10.55
C LEU B 147 -1.25 18.78 10.79
N ASP B 148 -1.32 17.48 10.96
CA ASP B 148 -0.17 16.60 11.19
C ASP B 148 0.43 16.28 9.80
N THR B 149 1.59 16.91 9.52
CA THR B 149 2.26 16.82 8.22
C THR B 149 2.48 15.36 7.81
N ARG B 150 3.06 14.58 8.72
CA ARG B 150 3.42 13.17 8.42
C ARG B 150 2.17 12.34 8.11
N LEU B 151 1.14 12.48 8.92
CA LEU B 151 -0.08 11.77 8.64
C LEU B 151 -0.72 12.18 7.32
N ALA B 152 -0.70 13.47 7.05
CA ALA B 152 -1.26 13.96 5.82
C ALA B 152 -0.51 13.42 4.60
N ARG B 153 0.80 13.39 4.68
CA ARG B 153 1.63 12.80 3.65
C ARG B 153 1.23 11.37 3.40
N GLN B 154 1.00 10.64 4.47
CA GLN B 154 0.64 9.26 4.39
C GLN B 154 -0.77 9.06 3.83
N MET B 155 -1.69 9.93 4.21
CA MET B 155 -3.00 9.97 3.56
C MET B 155 -2.90 10.26 2.03
N ILE B 156 -2.16 11.26 1.64
CA ILE B 156 -2.09 11.66 0.23
C ILE B 156 -1.39 10.50 -0.54
N PHE B 157 -0.23 10.09 -0.09
CA PHE B 157 0.57 9.14 -0.89
C PHE B 157 -0.17 7.79 -0.84
N GLY B 158 -0.72 7.39 0.32
CA GLY B 158 -1.38 6.16 0.46
C GLY B 158 -2.66 6.04 -0.35
N THR B 159 -3.38 7.16 -0.49
CA THR B 159 -4.58 7.18 -1.28
C THR B 159 -4.19 7.11 -2.80
N LEU B 160 -3.28 7.94 -3.21
CA LEU B 160 -2.86 8.00 -4.65
C LEU B 160 -2.39 6.57 -5.05
N ASP B 161 -1.53 5.99 -4.23
CA ASP B 161 -0.93 4.72 -4.57
C ASP B 161 -1.96 3.64 -4.61
N GLU B 162 -2.96 3.72 -3.73
CA GLU B 162 -4.00 2.75 -3.70
C GLU B 162 -4.93 2.86 -4.93
N VAL B 163 -5.22 4.08 -5.34
CA VAL B 163 -6.09 4.28 -6.59
C VAL B 163 -5.32 3.66 -7.75
N VAL B 164 -4.02 3.96 -7.85
CA VAL B 164 -3.23 3.44 -9.02
C VAL B 164 -3.18 1.92 -8.99
N THR B 165 -2.89 1.35 -7.82
CA THR B 165 -2.85 -0.12 -7.74
C THR B 165 -4.15 -0.77 -8.17
N ASN B 166 -5.28 -0.20 -7.75
CA ASN B 166 -6.56 -0.82 -8.14
C ASN B 166 -6.78 -0.81 -9.68
N TRP B 167 -6.34 0.25 -10.32
CA TRP B 167 -6.38 0.43 -11.78
C TRP B 167 -5.46 -0.60 -12.44
N VAL B 168 -4.26 -0.77 -11.93
CA VAL B 168 -3.40 -1.84 -12.43
C VAL B 168 -4.01 -3.22 -12.25
N MET B 169 -4.58 -3.46 -11.10
CA MET B 169 -5.24 -4.75 -10.82
C MET B 169 -6.44 -4.98 -11.73
N LYS B 170 -7.02 -3.96 -12.28
CA LYS B 170 -8.15 -4.08 -13.20
C LYS B 170 -7.68 -3.96 -14.66
N ASP B 171 -6.42 -4.33 -14.94
CA ASP B 171 -5.84 -4.31 -16.26
C ASP B 171 -5.85 -2.96 -16.93
N CYS B 172 -5.75 -1.88 -16.13
CA CYS B 172 -5.67 -0.55 -16.67
C CYS B 172 -6.82 -0.24 -17.67
N LYS B 173 -7.99 -0.75 -17.39
CA LYS B 173 -9.09 -0.75 -18.40
C LYS B 173 -9.96 0.51 -18.35
N TYR B 174 -9.87 1.27 -17.29
CA TYR B 174 -10.53 2.60 -17.25
C TYR B 174 -9.47 3.67 -17.29
N ASP B 175 -9.93 4.90 -17.41
CA ASP B 175 -9.04 6.06 -17.59
C ASP B 175 -8.63 6.58 -16.20
N LEU B 176 -7.42 6.24 -15.82
CA LEU B 176 -6.83 6.73 -14.53
C LEU B 176 -6.81 8.25 -14.42
N THR B 177 -6.57 8.94 -15.53
CA THR B 177 -6.47 10.38 -15.52
C THR B 177 -7.84 11.05 -15.25
N ALA B 178 -8.95 10.33 -15.47
CA ALA B 178 -10.31 10.87 -15.17
C ALA B 178 -10.55 10.95 -13.65
N LEU B 179 -9.71 10.27 -12.86
CA LEU B 179 -9.82 10.29 -11.37
C LEU B 179 -9.05 11.42 -10.68
N VAL B 180 -8.29 12.23 -11.40
CA VAL B 180 -7.51 13.33 -10.82
C VAL B 180 -8.40 14.29 -10.02
N LYS B 181 -9.45 14.72 -10.68
CA LYS B 181 -10.30 15.72 -10.05
C LYS B 181 -11.00 15.20 -8.84
N PRO B 182 -11.67 14.03 -8.93
CA PRO B 182 -12.29 13.57 -7.68
C PRO B 182 -11.35 13.19 -6.53
N VAL B 183 -10.17 12.67 -6.84
CA VAL B 183 -9.18 12.32 -5.78
C VAL B 183 -8.71 13.62 -5.12
N HIS B 184 -8.41 14.60 -5.98
CA HIS B 184 -7.94 15.90 -5.44
C HIS B 184 -8.97 16.55 -4.51
N GLN B 185 -10.22 16.54 -4.96
CA GLN B 185 -11.36 17.07 -4.13
C GLN B 185 -11.54 16.30 -2.81
N LEU B 186 -11.43 14.95 -2.87
CA LEU B 186 -11.56 14.12 -1.70
C LEU B 186 -10.46 14.33 -0.68
N LEU B 187 -9.20 14.44 -1.17
CA LEU B 187 -8.10 14.68 -0.25
C LEU B 187 -8.26 16.12 0.42
N LEU B 188 -8.74 17.11 -0.34
CA LEU B 188 -8.88 18.48 0.28
C LEU B 188 -9.99 18.53 1.28
N GLY B 189 -11.12 17.94 0.96
CA GLY B 189 -12.37 18.08 1.71
C GLY B 189 -12.74 17.05 2.71
N GLY B 190 -12.17 15.85 2.57
CA GLY B 190 -12.49 14.73 3.36
C GLY B 190 -13.82 14.13 3.07
N LEU B 191 -14.29 13.28 4.00
CA LEU B 191 -15.45 12.47 3.78
C LEU B 191 -16.74 13.29 4.20
N ARG B 192 -16.60 14.24 5.14
CA ARG B 192 -17.78 14.78 5.89
C ARG B 192 -18.62 15.69 5.05
N HIS B 193 -19.91 15.70 5.36
CA HIS B 193 -20.91 16.42 4.54
C HIS B 193 -20.76 17.91 4.76
#